data_6H3D
#
_entry.id   6H3D
#
_cell.length_a   185.090
_cell.length_b   48.750
_cell.length_c   59.400
_cell.angle_alpha   90.00
_cell.angle_beta   90.00
_cell.angle_gamma   90.00
#
_symmetry.space_group_name_H-M   'P 21 21 2'
#
loop_
_entity.id
_entity.type
_entity.pdbx_description
1 polymer 'DUF2338 domain-containing protein'
2 non-polymer 'NADPH DIHYDRO-NICOTINAMIDE-ADENINE-DINUCLEOTIDE PHOSPHATE'
3 non-polymer D-HISTIDINE
4 non-polymer GLYCEROL
5 non-polymer 'TETRAETHYLENE GLYCOL'
6 water water
#
_entity_poly.entity_id   1
_entity_poly.type   'polypeptide(L)'
_entity_poly.pdbx_seq_one_letter_code
;MSKLLMIGTGPVAIQLANICYLKSDYEIDMVGRASTSEKSKRLYQAYKKEKQFEVKIQNEAHQHLEGKFEINRLYKDVKN
VKGEYETVVMACTADAYYDTLQQLSLETLQSVKHVILISPTFGSQMIVEQFMSKFSQDIEVISFSTYLGDTRIVDKEAPN
HVLTTGVKKKLYMGSTHSNSTMCQRISALAEQLKIQLEVVESPLHAETRNSSLYVHPPLFMNDFSLKAIFEGTDVPVYVY
KLFPEGPITMTLIREMRLMWKEMMAILQAFRVPSVNLLQFMVKENYPVRPETLDEGDIEHFEILPDILQEYLLYVRYTAI
LIDPFSQPDENGHYFDFSAVPFKQVYKNEQDVVQIPRMPSEDYYRTAMIQHIGKMLGIKTPMIDQFLTRYEASCQAYKDM
HQDQQLSSQFNTNLFEGDKALVTKFLEINRTLSLEHHHHHH
;
_entity_poly.pdbx_strand_id   A
#
# COMPACT_ATOMS: atom_id res chain seq x y z
N SER A 2 4.95 -1.66 -27.48
CA SER A 2 5.54 -0.31 -27.24
C SER A 2 4.56 0.78 -26.68
N LYS A 3 3.31 0.48 -26.33
CA LYS A 3 2.53 1.43 -25.49
C LYS A 3 2.29 0.99 -24.05
N LEU A 4 2.47 1.97 -23.14
CA LEU A 4 2.23 1.73 -21.70
C LEU A 4 1.06 2.61 -21.18
N LEU A 5 0.18 1.98 -20.42
CA LEU A 5 -0.93 2.73 -19.76
C LEU A 5 -0.65 2.80 -18.23
N MET A 6 -0.43 4.01 -17.75
CA MET A 6 -0.12 4.27 -16.33
C MET A 6 -1.47 4.71 -15.71
N ILE A 7 -2.02 3.88 -14.88
CA ILE A 7 -3.28 4.20 -14.19
C ILE A 7 -2.94 4.86 -12.83
N GLY A 8 -3.25 6.17 -12.73
CA GLY A 8 -2.99 6.96 -11.52
C GLY A 8 -2.37 8.25 -12.04
N THR A 9 -2.69 9.36 -11.36
CA THR A 9 -2.01 10.64 -11.66
C THR A 9 -1.42 11.32 -10.40
N GLY A 10 -1.31 10.59 -9.29
CA GLY A 10 -0.71 11.07 -8.09
C GLY A 10 0.81 11.02 -8.19
N PRO A 11 1.51 11.35 -7.11
CA PRO A 11 2.98 11.33 -7.08
C PRO A 11 3.68 9.99 -7.43
N VAL A 12 3.09 8.87 -7.02
CA VAL A 12 3.61 7.55 -7.36
C VAL A 12 3.60 7.43 -8.86
N ALA A 13 2.45 7.71 -9.50
CA ALA A 13 2.34 7.64 -10.94
C ALA A 13 3.31 8.54 -11.66
N ILE A 14 3.46 9.73 -11.13
CA ILE A 14 4.35 10.69 -11.77
C ILE A 14 5.80 10.21 -11.64
N GLN A 15 6.18 9.72 -10.49
CA GLN A 15 7.55 9.27 -10.37
C GLN A 15 7.83 8.07 -11.34
N LEU A 16 6.85 7.17 -11.46
CA LEU A 16 7.00 5.95 -12.27
C LEU A 16 7.03 6.27 -13.74
N ALA A 17 6.28 7.31 -14.07
CA ALA A 17 6.22 7.71 -15.43
C ALA A 17 7.55 8.31 -15.84
N ASN A 18 8.24 9.00 -14.94
CA ASN A 18 9.53 9.61 -15.30
C ASN A 18 10.57 8.51 -15.50
N ILE A 19 10.50 7.43 -14.72
CA ILE A 19 11.34 6.27 -14.91
C ILE A 19 11.07 5.68 -16.29
N CYS A 20 9.79 5.50 -16.66
CA CYS A 20 9.51 4.97 -17.97
C CYS A 20 9.96 5.89 -19.07
N TYR A 21 9.70 7.18 -18.92
CA TYR A 21 10.04 8.15 -19.93
C TYR A 21 11.57 8.04 -20.18
N LEU A 22 12.34 7.94 -19.13
CA LEU A 22 13.78 8.06 -19.28
C LEU A 22 14.40 6.73 -19.62
N LYS A 23 13.86 5.63 -19.12
CA LYS A 23 14.62 4.39 -19.16
C LYS A 23 13.93 3.30 -19.97
N SER A 24 12.73 3.54 -20.52
CA SER A 24 12.07 2.54 -21.39
C SER A 24 11.85 3.05 -22.82
N ASP A 25 11.26 2.21 -23.66
CA ASP A 25 10.99 2.51 -25.05
C ASP A 25 9.51 2.74 -25.21
N TYR A 26 8.76 2.67 -24.14
CA TYR A 26 7.31 2.84 -24.25
C TYR A 26 6.85 4.31 -24.54
N GLU A 27 5.80 4.48 -25.33
CA GLU A 27 5.02 5.70 -25.36
C GLU A 27 4.13 5.62 -24.12
N ILE A 28 4.02 6.67 -23.32
CA ILE A 28 3.32 6.65 -22.01
C ILE A 28 2.02 7.41 -22.12
N ASP A 29 0.92 6.74 -21.85
CA ASP A 29 -0.37 7.42 -21.61
C ASP A 29 -0.74 7.26 -20.09
N MET A 30 -1.25 8.30 -19.46
CA MET A 30 -1.57 8.33 -18.04
C MET A 30 -3.07 8.52 -17.95
N VAL A 31 -3.69 7.95 -16.92
CA VAL A 31 -5.15 7.99 -16.80
C VAL A 31 -5.48 8.42 -15.38
N GLY A 32 -6.21 9.50 -15.29
CA GLY A 32 -6.73 9.90 -14.05
C GLY A 32 -8.21 9.61 -13.85
N ARG A 33 -8.80 10.38 -12.94
CA ARG A 33 -10.27 10.39 -12.89
C ARG A 33 -10.90 11.71 -12.42
N ALA A 34 -10.85 12.75 -13.27
CA ALA A 34 -11.69 13.96 -13.12
C ALA A 34 -13.20 13.75 -12.76
N SER A 35 -13.95 12.92 -13.46
CA SER A 35 -15.28 12.43 -13.00
C SER A 35 -15.47 12.43 -11.47
N THR A 36 -14.61 11.70 -10.80
CA THR A 36 -14.82 11.30 -9.42
C THR A 36 -13.94 12.05 -8.39
N SER A 37 -13.25 13.13 -8.80
CA SER A 37 -12.17 13.65 -7.96
C SER A 37 -11.57 14.98 -8.32
N GLU A 38 -11.68 15.89 -7.39
CA GLU A 38 -11.17 17.22 -7.57
C GLU A 38 -9.64 17.25 -7.48
N LYS A 39 -9.04 16.23 -6.89
CA LYS A 39 -7.59 16.10 -6.93
C LYS A 39 -7.09 15.79 -8.42
N SER A 40 -7.52 14.68 -9.01
CA SER A 40 -7.34 14.38 -10.46
C SER A 40 -7.60 15.53 -11.39
N LYS A 41 -8.68 16.28 -11.15
CA LYS A 41 -8.98 17.44 -11.97
C LYS A 41 -7.92 18.50 -11.85
N ARG A 42 -7.46 18.81 -10.65
CA ARG A 42 -6.44 19.87 -10.56
C ARG A 42 -5.17 19.35 -11.21
N LEU A 43 -4.97 18.04 -11.17
CA LEU A 43 -3.73 17.55 -11.71
C LEU A 43 -3.83 17.74 -13.23
N TYR A 44 -4.97 17.39 -13.82
CA TYR A 44 -5.17 17.52 -15.25
C TYR A 44 -5.00 18.95 -15.69
N GLN A 45 -5.68 19.85 -14.99
CA GLN A 45 -5.51 21.29 -15.28
C GLN A 45 -4.05 21.73 -15.19
N ALA A 46 -3.33 21.33 -14.15
CA ALA A 46 -1.92 21.79 -14.03
C ALA A 46 -1.05 21.26 -15.19
N TYR A 47 -1.20 19.97 -15.54
CA TYR A 47 -0.47 19.39 -16.67
C TYR A 47 -0.85 20.05 -17.99
N LYS A 48 -2.14 20.17 -18.29
CA LYS A 48 -2.58 20.95 -19.47
C LYS A 48 -1.83 22.31 -19.60
N LYS A 49 -1.78 23.07 -18.53
CA LYS A 49 -1.10 24.37 -18.56
C LYS A 49 0.43 24.30 -18.86
N GLU A 50 1.18 23.47 -18.15
CA GLU A 50 2.62 23.45 -18.32
C GLU A 50 3.07 22.48 -19.38
N LYS A 51 2.29 21.44 -19.65
CA LYS A 51 2.74 20.37 -20.56
C LYS A 51 4.03 19.71 -20.15
N GLN A 52 4.27 19.69 -18.85
CA GLN A 52 5.44 19.03 -18.24
C GLN A 52 4.90 18.55 -16.88
N PHE A 53 5.40 17.39 -16.47
CA PHE A 53 5.49 17.01 -15.12
C PHE A 53 6.95 17.23 -14.64
N GLU A 54 7.16 17.14 -13.32
CA GLU A 54 8.48 17.21 -12.73
C GLU A 54 8.63 16.44 -11.47
N VAL A 55 9.71 15.69 -11.43
CA VAL A 55 10.13 15.02 -10.21
C VAL A 55 11.37 15.78 -9.69
N LYS A 56 11.30 16.30 -8.45
CA LYS A 56 12.56 16.76 -7.75
C LYS A 56 12.98 15.72 -6.75
N ILE A 57 14.25 15.77 -6.36
CA ILE A 57 14.69 14.93 -5.23
C ILE A 57 15.27 15.77 -4.10
N GLN A 58 15.26 15.21 -2.90
CA GLN A 58 15.71 15.89 -1.67
C GLN A 58 17.11 15.41 -1.28
N ASN A 59 17.32 14.11 -1.11
CA ASN A 59 18.65 13.54 -0.99
C ASN A 59 19.19 13.29 -2.43
N GLU A 60 20.27 13.95 -2.80
CA GLU A 60 21.04 13.74 -4.06
C GLU A 60 21.47 12.33 -4.37
N ALA A 61 21.45 11.47 -3.36
CA ALA A 61 21.55 9.99 -3.55
C ALA A 61 20.56 9.41 -4.59
N HIS A 62 19.49 10.16 -4.89
CA HIS A 62 18.43 9.70 -5.77
C HIS A 62 18.40 10.38 -7.18
N GLN A 63 19.59 10.66 -7.73
CA GLN A 63 19.76 11.35 -9.03
C GLN A 63 18.91 10.83 -10.18
N HIS A 64 19.23 9.61 -10.62
CA HIS A 64 18.45 8.70 -11.51
C HIS A 64 16.91 8.90 -11.66
N LEU A 65 16.24 9.30 -10.56
CA LEU A 65 14.76 9.43 -10.46
C LEU A 65 14.21 10.78 -10.83
N GLU A 66 15.08 11.80 -10.80
CA GLU A 66 14.59 13.17 -11.03
C GLU A 66 14.38 13.44 -12.54
N GLY A 67 13.64 14.52 -12.85
CA GLY A 67 13.57 15.03 -14.19
C GLY A 67 12.27 15.70 -14.50
N LYS A 68 12.33 16.51 -15.55
CA LYS A 68 11.16 17.03 -16.17
C LYS A 68 10.83 16.15 -17.35
N PHE A 69 9.51 15.99 -17.60
CA PHE A 69 9.03 15.19 -18.68
C PHE A 69 7.59 15.49 -19.19
N GLU A 70 7.31 15.02 -20.40
CA GLU A 70 5.96 15.06 -21.00
C GLU A 70 5.56 13.65 -21.19
N ILE A 71 4.27 13.40 -21.30
CA ILE A 71 3.80 12.10 -21.69
C ILE A 71 3.11 12.20 -23.05
N ASN A 72 2.73 11.08 -23.63
CA ASN A 72 2.09 11.09 -24.92
C ASN A 72 0.67 11.63 -24.70
N ARG A 73 -0.07 11.07 -23.76
CA ARG A 73 -1.43 11.50 -23.57
C ARG A 73 -1.86 11.36 -22.12
N LEU A 74 -2.49 12.41 -21.65
CA LEU A 74 -3.14 12.38 -20.39
C LEU A 74 -4.66 12.24 -20.60
N TYR A 75 -5.20 11.09 -20.19
CA TYR A 75 -6.61 10.89 -20.23
C TYR A 75 -7.27 11.46 -18.98
N LYS A 76 -8.33 12.17 -19.16
CA LYS A 76 -9.12 12.65 -18.02
C LYS A 76 -9.81 11.56 -17.17
N ASP A 77 -10.24 10.48 -17.79
CA ASP A 77 -10.98 9.46 -17.04
C ASP A 77 -10.77 8.12 -17.68
N VAL A 78 -10.87 7.08 -16.88
CA VAL A 78 -10.66 5.71 -17.32
C VAL A 78 -11.52 5.31 -18.52
N LYS A 79 -12.77 5.70 -18.50
CA LYS A 79 -13.68 5.36 -19.57
C LYS A 79 -13.20 5.94 -20.89
N ASN A 80 -12.42 6.99 -20.88
CA ASN A 80 -11.96 7.61 -22.09
C ASN A 80 -10.83 6.80 -22.77
N VAL A 81 -10.22 5.86 -22.05
CA VAL A 81 -9.11 5.16 -22.64
C VAL A 81 -9.55 4.42 -23.93
N LYS A 82 -8.78 4.51 -24.99
CA LYS A 82 -9.09 3.73 -26.21
C LYS A 82 -7.79 3.13 -26.75
N GLY A 83 -7.86 1.97 -27.35
CA GLY A 83 -6.72 1.45 -28.10
C GLY A 83 -5.99 0.38 -27.33
N GLU A 84 -4.83 0.08 -27.83
CA GLU A 84 -4.13 -1.07 -27.42
C GLU A 84 -2.99 -0.65 -26.61
N TYR A 85 -2.78 -1.34 -25.50
CA TYR A 85 -1.61 -1.12 -24.64
C TYR A 85 -1.04 -2.50 -24.26
N GLU A 86 0.24 -2.68 -24.48
CA GLU A 86 0.95 -3.91 -24.11
C GLU A 86 1.03 -4.08 -22.57
N THR A 87 1.36 -2.97 -21.91
CA THR A 87 1.64 -2.96 -20.47
C THR A 87 0.76 -1.95 -19.75
N VAL A 88 0.11 -2.41 -18.69
CA VAL A 88 -0.67 -1.56 -17.77
C VAL A 88 0.02 -1.50 -16.43
N VAL A 89 0.39 -0.31 -16.00
CA VAL A 89 0.91 -0.09 -14.64
C VAL A 89 -0.20 0.46 -13.72
N MET A 90 -0.47 -0.28 -12.66
CA MET A 90 -1.47 0.16 -11.64
C MET A 90 -0.80 0.90 -10.49
N ALA A 91 -0.86 2.21 -10.55
CA ALA A 91 -0.27 3.09 -9.55
C ALA A 91 -1.34 3.72 -8.62
N CYS A 92 -2.54 3.14 -8.60
CA CYS A 92 -3.63 3.52 -7.72
C CYS A 92 -3.60 2.68 -6.41
N THR A 93 -4.66 2.82 -5.62
CA THR A 93 -4.86 2.01 -4.42
C THR A 93 -5.43 0.62 -4.86
N ALA A 94 -4.96 -0.42 -4.20
CA ALA A 94 -5.36 -1.77 -4.45
C ALA A 94 -6.88 -2.01 -4.37
N ASP A 95 -7.58 -1.26 -3.50
CA ASP A 95 -9.04 -1.41 -3.47
C ASP A 95 -9.75 -0.83 -4.66
N ALA A 96 -9.03 -0.30 -5.64
CA ALA A 96 -9.64 0.18 -6.85
C ALA A 96 -9.25 -0.58 -8.10
N TYR A 97 -8.32 -1.54 -8.00
CA TYR A 97 -7.81 -2.26 -9.18
C TYR A 97 -8.99 -2.88 -10.02
N TYR A 98 -9.90 -3.58 -9.35
CA TYR A 98 -11.00 -4.28 -10.04
C TYR A 98 -11.90 -3.28 -10.67
N ASP A 99 -12.41 -2.39 -9.83
CA ASP A 99 -13.30 -1.36 -10.26
C ASP A 99 -12.73 -0.53 -11.39
N THR A 100 -11.42 -0.29 -11.38
CA THR A 100 -10.79 0.46 -12.47
C THR A 100 -10.65 -0.33 -13.80
N LEU A 101 -10.09 -1.53 -13.72
CA LEU A 101 -9.88 -2.34 -14.94
C LEU A 101 -11.19 -2.65 -15.69
N GLN A 102 -12.23 -2.89 -14.93
CA GLN A 102 -13.53 -3.20 -15.47
C GLN A 102 -14.16 -2.01 -16.17
N GLN A 103 -13.62 -0.80 -16.02
CA GLN A 103 -14.03 0.34 -16.87
C GLN A 103 -13.29 0.47 -18.23
N LEU A 104 -12.26 -0.37 -18.41
CA LEU A 104 -11.54 -0.34 -19.66
C LEU A 104 -12.36 -1.00 -20.77
N SER A 105 -12.05 -0.69 -22.00
CA SER A 105 -12.79 -1.25 -23.10
C SER A 105 -12.28 -2.67 -23.31
N LEU A 106 -13.12 -3.42 -23.99
CA LEU A 106 -12.83 -4.83 -24.35
C LEU A 106 -11.62 -4.89 -25.23
N GLU A 107 -11.59 -4.03 -26.21
CA GLU A 107 -10.43 -3.96 -27.11
C GLU A 107 -9.13 -3.73 -26.35
N THR A 108 -9.18 -2.76 -25.43
CA THR A 108 -8.03 -2.43 -24.59
C THR A 108 -7.62 -3.62 -23.74
N LEU A 109 -8.62 -4.22 -23.12
CA LEU A 109 -8.41 -5.33 -22.22
C LEU A 109 -7.80 -6.57 -22.91
N GLN A 110 -8.22 -6.82 -24.15
CA GLN A 110 -7.66 -7.88 -25.03
C GLN A 110 -6.26 -7.68 -25.51
N SER A 111 -5.79 -6.42 -25.62
CA SER A 111 -4.42 -6.14 -26.05
C SER A 111 -3.34 -6.30 -24.96
N VAL A 112 -3.76 -6.39 -23.68
CA VAL A 112 -2.81 -6.21 -22.57
C VAL A 112 -2.03 -7.49 -22.34
N LYS A 113 -0.71 -7.41 -22.33
CA LYS A 113 0.16 -8.56 -22.02
C LYS A 113 0.73 -8.63 -20.57
N HIS A 114 1.04 -7.45 -20.01
CA HIS A 114 1.58 -7.30 -18.65
C HIS A 114 0.78 -6.29 -17.81
N VAL A 115 0.35 -6.69 -16.62
CA VAL A 115 -0.17 -5.78 -15.57
C VAL A 115 0.81 -5.77 -14.38
N ILE A 116 1.25 -4.57 -14.04
CA ILE A 116 2.22 -4.32 -12.99
C ILE A 116 1.56 -3.61 -11.81
N LEU A 117 1.48 -4.28 -10.67
CA LEU A 117 0.86 -3.81 -9.42
C LEU A 117 1.92 -3.23 -8.50
N ILE A 118 1.82 -1.94 -8.28
CA ILE A 118 2.82 -1.17 -7.55
C ILE A 118 2.62 -1.23 -6.07
N SER A 119 1.40 -0.99 -5.61
CA SER A 119 1.13 -1.11 -4.19
C SER A 119 0.01 -2.08 -3.91
N PRO A 120 0.19 -3.35 -4.30
CA PRO A 120 -0.86 -4.38 -4.09
C PRO A 120 -1.04 -4.78 -2.67
N THR A 121 -2.22 -5.28 -2.35
CA THR A 121 -2.37 -6.01 -1.09
C THR A 121 -2.21 -7.51 -1.38
N PHE A 122 -2.21 -8.30 -0.31
CA PHE A 122 -2.18 -9.74 -0.36
C PHE A 122 -3.48 -10.21 -1.05
N GLY A 123 -3.33 -10.78 -2.25
CA GLY A 123 -4.44 -11.30 -3.03
C GLY A 123 -4.76 -10.47 -4.23
N SER A 124 -3.92 -9.46 -4.51
CA SER A 124 -4.26 -8.47 -5.51
C SER A 124 -3.96 -9.15 -6.83
N GLN A 125 -2.82 -9.84 -6.89
CA GLN A 125 -2.46 -10.51 -8.11
C GLN A 125 -3.53 -11.54 -8.52
N MET A 126 -4.11 -12.24 -7.55
CA MET A 126 -5.22 -13.17 -7.80
C MET A 126 -6.44 -12.50 -8.40
N ILE A 127 -6.85 -11.38 -7.83
CA ILE A 127 -7.93 -10.63 -8.38
C ILE A 127 -7.66 -10.20 -9.81
N VAL A 128 -6.46 -9.70 -10.04
CA VAL A 128 -6.18 -9.06 -11.27
C VAL A 128 -5.94 -10.12 -12.32
N GLU A 129 -5.20 -11.16 -11.96
CA GLU A 129 -5.08 -12.34 -12.86
C GLU A 129 -6.44 -12.93 -13.28
N GLN A 130 -7.35 -13.15 -12.34
CA GLN A 130 -8.62 -13.82 -12.62
C GLN A 130 -9.57 -12.93 -13.39
N PHE A 131 -9.67 -11.66 -13.02
CA PHE A 131 -10.29 -10.68 -13.91
C PHE A 131 -9.75 -10.65 -15.34
N MET A 132 -8.46 -10.49 -15.53
CA MET A 132 -7.91 -10.23 -16.87
C MET A 132 -7.90 -11.52 -17.73
N SER A 133 -8.05 -12.69 -17.08
CA SER A 133 -8.18 -13.97 -17.78
C SER A 133 -9.31 -14.12 -18.77
N LYS A 134 -10.40 -13.43 -18.57
CA LYS A 134 -11.46 -13.43 -19.53
C LYS A 134 -11.05 -12.80 -20.86
N PHE A 135 -9.94 -12.06 -20.95
CA PHE A 135 -9.61 -11.25 -22.13
C PHE A 135 -8.31 -11.57 -22.80
N SER A 136 -7.28 -11.89 -22.01
CA SER A 136 -6.02 -12.51 -22.49
C SER A 136 -6.05 -13.93 -21.93
N GLN A 137 -5.31 -14.82 -22.57
CA GLN A 137 -5.16 -16.17 -22.03
C GLN A 137 -3.89 -16.31 -21.30
N ASP A 138 -2.85 -15.57 -21.69
CA ASP A 138 -1.57 -15.71 -21.02
C ASP A 138 -1.03 -14.40 -20.31
N ILE A 139 -1.94 -13.63 -19.71
CA ILE A 139 -1.60 -12.34 -19.06
C ILE A 139 -0.46 -12.49 -18.03
N GLU A 140 0.66 -11.80 -18.19
CA GLU A 140 1.62 -11.71 -17.12
C GLU A 140 1.18 -10.63 -16.04
N VAL A 141 1.09 -11.04 -14.76
CA VAL A 141 0.84 -10.13 -13.61
C VAL A 141 2.06 -10.11 -12.75
N ILE A 142 2.56 -8.90 -12.50
CA ILE A 142 3.72 -8.64 -11.59
C ILE A 142 3.29 -7.81 -10.37
N SER A 143 3.68 -8.26 -9.18
CA SER A 143 3.49 -7.53 -7.91
C SER A 143 4.85 -7.11 -7.34
N PHE A 144 4.97 -5.82 -7.02
CA PHE A 144 5.92 -5.34 -5.98
C PHE A 144 5.40 -5.47 -4.57
N SER A 145 6.33 -5.53 -3.65
CA SER A 145 6.03 -5.49 -2.21
C SER A 145 5.38 -4.18 -1.81
N THR A 146 5.96 -3.08 -2.29
CA THR A 146 5.45 -1.70 -2.05
C THR A 146 6.01 -0.81 -3.15
N TYR A 147 5.47 0.39 -3.25
CA TYR A 147 6.12 1.43 -4.00
C TYR A 147 7.59 1.62 -3.53
N LEU A 148 8.42 2.14 -4.41
CA LEU A 148 9.89 2.22 -4.18
C LEU A 148 10.39 3.22 -3.15
N GLY A 149 9.54 4.14 -2.71
CA GLY A 149 9.93 5.09 -1.68
C GLY A 149 8.83 6.01 -1.18
N ASP A 150 9.15 7.30 -1.13
CA ASP A 150 8.24 8.35 -0.63
C ASP A 150 8.30 9.55 -1.51
N THR A 151 7.19 9.87 -2.12
CA THR A 151 7.07 10.93 -3.03
C THR A 151 5.87 11.69 -2.61
N ARG A 152 5.90 13.01 -2.79
CA ARG A 152 4.71 13.78 -2.48
C ARG A 152 4.65 15.05 -3.28
N ILE A 153 3.53 15.73 -3.10
CA ILE A 153 3.34 17.07 -3.64
C ILE A 153 3.66 18.10 -2.54
N VAL A 154 4.70 18.93 -2.72
CA VAL A 154 4.99 20.02 -1.74
C VAL A 154 3.90 21.11 -1.83
N ASP A 155 3.58 21.51 -3.06
CA ASP A 155 2.67 22.62 -3.35
C ASP A 155 1.37 22.09 -4.02
N LYS A 156 0.25 22.00 -3.30
CA LYS A 156 -1.04 21.54 -3.88
C LYS A 156 -1.52 22.26 -5.17
N GLU A 157 -1.05 23.48 -5.41
CA GLU A 157 -1.51 24.18 -6.60
C GLU A 157 -0.65 23.81 -7.81
N ALA A 158 0.52 23.20 -7.59
CA ALA A 158 1.35 22.58 -8.65
C ALA A 158 1.53 21.05 -8.45
N PRO A 159 0.42 20.30 -8.55
CA PRO A 159 0.50 18.85 -8.29
C PRO A 159 1.15 17.98 -9.35
N ASN A 160 1.54 18.62 -10.45
CA ASN A 160 2.42 18.04 -11.45
C ASN A 160 3.92 18.14 -11.14
N HIS A 161 4.26 18.79 -10.02
CA HIS A 161 5.59 18.86 -9.46
C HIS A 161 5.63 18.07 -8.18
N VAL A 162 6.43 17.02 -8.13
CA VAL A 162 6.45 16.10 -7.05
C VAL A 162 7.86 15.97 -6.50
N LEU A 163 7.97 15.51 -5.24
CA LEU A 163 9.31 15.43 -4.58
C LEU A 163 9.45 14.09 -4.02
N THR A 164 10.46 13.37 -4.47
CA THR A 164 10.82 12.07 -3.88
C THR A 164 11.84 12.31 -2.71
N THR A 165 11.40 12.08 -1.49
CA THR A 165 12.16 12.35 -0.24
C THR A 165 13.00 11.17 0.20
N GLY A 166 12.45 9.97 0.10
CA GLY A 166 13.16 8.74 0.39
C GLY A 166 12.92 7.64 -0.66
N VAL A 167 13.86 6.70 -0.69
CA VAL A 167 13.79 5.44 -1.44
C VAL A 167 13.99 4.25 -0.45
N LYS A 168 13.28 3.14 -0.62
CA LYS A 168 13.44 1.96 0.25
C LYS A 168 14.79 1.28 0.04
N LYS A 169 15.27 0.69 1.11
CA LYS A 169 16.52 -0.11 1.11
C LYS A 169 16.36 -1.33 0.23
N LYS A 170 15.18 -1.97 0.32
CA LYS A 170 14.90 -3.21 -0.41
C LYS A 170 13.46 -3.37 -0.91
N LEU A 171 13.26 -3.68 -2.19
CA LEU A 171 11.96 -4.11 -2.67
C LEU A 171 12.00 -5.60 -3.04
N TYR A 172 10.81 -6.17 -3.10
CA TYR A 172 10.59 -7.48 -3.60
C TYR A 172 9.64 -7.37 -4.78
N MET A 173 9.86 -8.24 -5.77
CA MET A 173 9.02 -8.34 -6.98
C MET A 173 8.80 -9.81 -7.27
N GLY A 174 7.55 -10.18 -7.51
CA GLY A 174 7.21 -11.52 -8.02
C GLY A 174 6.38 -11.44 -9.31
N SER A 175 6.55 -12.39 -10.22
CA SER A 175 5.75 -12.48 -11.48
C SER A 175 5.03 -13.78 -11.53
N THR A 176 3.91 -13.81 -12.24
CA THR A 176 3.23 -15.04 -12.57
C THR A 176 4.08 -15.84 -13.56
N HIS A 177 4.99 -15.17 -14.28
CA HIS A 177 5.95 -15.76 -15.22
C HIS A 177 7.37 -15.55 -14.75
N SER A 178 7.86 -16.50 -13.97
CA SER A 178 9.17 -16.42 -13.41
C SER A 178 10.21 -16.20 -14.47
N ASN A 179 11.15 -15.37 -14.08
CA ASN A 179 12.28 -14.99 -14.90
C ASN A 179 11.98 -14.52 -16.31
N SER A 180 10.75 -13.98 -16.52
CA SER A 180 10.35 -13.42 -17.80
C SER A 180 11.28 -12.32 -18.30
N THR A 181 11.13 -11.97 -19.55
CA THR A 181 11.68 -10.74 -20.11
C THR A 181 11.38 -9.47 -19.25
N MET A 182 10.11 -9.32 -18.89
CA MET A 182 9.68 -8.19 -18.08
C MET A 182 10.41 -8.20 -16.69
N CYS A 183 10.44 -9.32 -15.96
CA CYS A 183 11.29 -9.42 -14.72
C CYS A 183 12.72 -8.97 -14.90
N GLN A 184 13.32 -9.40 -15.99
CA GLN A 184 14.72 -9.12 -16.17
C GLN A 184 14.96 -7.64 -16.51
N ARG A 185 14.09 -7.08 -17.33
CA ARG A 185 14.16 -5.64 -17.58
C ARG A 185 13.97 -4.81 -16.29
N ILE A 186 13.02 -5.23 -15.45
CA ILE A 186 12.75 -4.51 -14.23
C ILE A 186 14.02 -4.64 -13.38
N SER A 187 14.60 -5.85 -13.31
CA SER A 187 15.81 -6.07 -12.50
C SER A 187 16.93 -5.15 -12.93
N ALA A 188 17.16 -5.11 -14.25
CA ALA A 188 18.19 -4.26 -14.88
C ALA A 188 17.92 -2.77 -14.61
N LEU A 189 16.64 -2.37 -14.69
CA LEU A 189 16.23 -1.00 -14.28
C LEU A 189 16.52 -0.69 -12.79
N ALA A 190 16.17 -1.59 -11.91
CA ALA A 190 16.45 -1.39 -10.48
C ALA A 190 17.94 -1.19 -10.20
N GLU A 191 18.75 -1.94 -10.90
CA GLU A 191 20.18 -1.92 -10.69
C GLU A 191 20.67 -0.54 -11.17
N GLN A 192 20.15 0.00 -12.28
CA GLN A 192 20.52 1.40 -12.67
C GLN A 192 20.08 2.47 -11.69
N LEU A 193 18.94 2.28 -11.05
CA LEU A 193 18.43 3.27 -10.09
C LEU A 193 19.04 3.06 -8.71
N LYS A 194 19.89 2.04 -8.61
CA LYS A 194 20.65 1.73 -7.43
C LYS A 194 19.70 1.44 -6.30
N ILE A 195 18.70 0.60 -6.63
CA ILE A 195 17.67 0.17 -5.71
C ILE A 195 17.74 -1.32 -5.62
N GLN A 196 17.95 -1.83 -4.43
CA GLN A 196 17.99 -3.26 -4.27
C GLN A 196 16.62 -3.92 -4.48
N LEU A 197 16.57 -4.85 -5.39
CA LEU A 197 15.34 -5.56 -5.71
C LEU A 197 15.53 -7.03 -5.65
N GLU A 198 14.85 -7.73 -4.78
CA GLU A 198 14.93 -9.14 -4.73
C GLU A 198 13.76 -9.74 -5.49
N VAL A 199 14.06 -10.59 -6.45
CA VAL A 199 13.04 -11.30 -7.20
C VAL A 199 12.68 -12.53 -6.42
N VAL A 200 11.38 -12.77 -6.29
CA VAL A 200 10.85 -13.90 -5.52
C VAL A 200 9.96 -14.78 -6.45
N GLU A 201 9.50 -15.91 -5.91
CA GLU A 201 8.92 -17.01 -6.68
C GLU A 201 7.62 -16.63 -7.34
N SER A 202 6.82 -15.86 -6.62
CA SER A 202 5.54 -15.47 -7.13
C SER A 202 5.09 -14.08 -6.65
N PRO A 203 4.00 -13.57 -7.23
CA PRO A 203 3.54 -12.25 -6.86
C PRO A 203 3.06 -12.20 -5.42
N LEU A 204 2.40 -13.28 -4.99
CA LEU A 204 1.86 -13.40 -3.67
C LEU A 204 2.97 -13.38 -2.61
N HIS A 205 4.08 -14.05 -2.92
CA HIS A 205 5.28 -13.98 -2.08
C HIS A 205 5.66 -12.48 -1.88
N ALA A 206 5.74 -11.73 -2.95
CA ALA A 206 6.12 -10.31 -2.88
C ALA A 206 5.12 -9.46 -2.08
N GLU A 207 3.82 -9.82 -2.12
CA GLU A 207 2.78 -9.06 -1.51
C GLU A 207 2.81 -9.23 -0.01
N THR A 208 3.44 -10.31 0.46
CA THR A 208 3.55 -10.57 1.88
C THR A 208 4.80 -9.96 2.53
N ARG A 209 5.74 -9.42 1.76
CA ARG A 209 6.92 -8.67 2.24
C ARG A 209 6.60 -7.16 2.30
N ASN A 210 5.48 -6.85 2.88
CA ASN A 210 5.10 -5.51 3.17
C ASN A 210 4.73 -5.47 4.65
N SER A 211 5.50 -4.74 5.47
CA SER A 211 5.20 -4.72 6.90
C SER A 211 3.82 -4.11 7.31
N SER A 212 3.28 -3.19 6.53
CA SER A 212 2.01 -2.57 6.80
C SER A 212 0.91 -3.60 6.83
N LEU A 213 1.06 -4.69 6.10
CA LEU A 213 0.07 -5.77 6.18
C LEU A 213 -0.23 -6.24 7.59
N TYR A 214 0.84 -6.44 8.33
CA TYR A 214 0.79 -7.08 9.66
C TYR A 214 0.62 -6.04 10.75
N VAL A 215 1.10 -4.82 10.49
CA VAL A 215 1.14 -3.78 11.51
C VAL A 215 -0.03 -2.79 11.47
N HIS A 216 -0.43 -2.34 10.32
CA HIS A 216 -1.50 -1.35 10.24
C HIS A 216 -2.85 -1.79 10.81
N PRO A 217 -3.24 -3.06 10.60
CA PRO A 217 -4.59 -3.42 11.11
C PRO A 217 -4.65 -3.38 12.60
N PRO A 218 -3.61 -3.94 13.29
CA PRO A 218 -3.67 -3.79 14.76
C PRO A 218 -3.52 -2.36 15.25
N LEU A 219 -2.79 -1.52 14.54
CA LEU A 219 -2.59 -0.13 14.98
C LEU A 219 -3.80 0.75 14.79
N PHE A 220 -4.53 0.50 13.72
CA PHE A 220 -5.66 1.37 13.38
C PHE A 220 -7.09 0.83 13.70
N MET A 221 -7.23 -0.47 13.87
CA MET A 221 -8.56 -1.13 13.95
C MET A 221 -8.72 -1.66 15.38
N ASN A 222 -8.55 -0.76 16.33
CA ASN A 222 -8.74 -0.99 17.76
C ASN A 222 -9.58 0.18 18.23
N ASP A 223 -10.13 0.12 19.43
CA ASP A 223 -11.13 1.14 19.82
C ASP A 223 -10.50 2.50 20.10
N PHE A 224 -9.24 2.53 20.48
CA PHE A 224 -8.59 3.83 20.74
C PHE A 224 -8.41 4.54 19.42
N SER A 225 -7.85 3.85 18.44
CA SER A 225 -7.62 4.43 17.13
C SER A 225 -8.92 4.78 16.41
N LEU A 226 -9.87 3.86 16.44
CA LEU A 226 -11.22 4.11 15.81
C LEU A 226 -11.97 5.31 16.35
N LYS A 227 -11.96 5.52 17.67
CA LYS A 227 -12.39 6.75 18.28
C LYS A 227 -11.66 7.95 17.82
N ALA A 228 -10.35 7.91 17.87
CA ALA A 228 -9.57 9.06 17.41
C ALA A 228 -9.89 9.42 15.94
N ILE A 229 -10.05 8.41 15.06
CA ILE A 229 -10.33 8.65 13.58
C ILE A 229 -11.79 9.20 13.32
N PHE A 230 -12.79 8.50 13.84
CA PHE A 230 -14.23 8.74 13.65
C PHE A 230 -14.88 9.75 14.60
N GLU A 231 -14.40 9.84 15.82
CA GLU A 231 -14.97 10.78 16.80
C GLU A 231 -14.03 11.86 17.23
N GLY A 232 -12.71 11.65 17.19
CA GLY A 232 -11.79 12.67 17.73
C GLY A 232 -11.63 12.52 19.25
N THR A 233 -10.78 13.35 19.81
CA THR A 233 -10.36 13.22 21.21
C THR A 233 -10.20 14.66 21.76
N ASP A 234 -10.03 14.77 23.07
CA ASP A 234 -9.94 16.03 23.76
C ASP A 234 -8.59 16.67 23.54
N VAL A 235 -7.53 15.87 23.51
CA VAL A 235 -6.19 16.39 23.09
C VAL A 235 -5.64 15.47 22.04
N PRO A 236 -4.75 16.00 21.20
CA PRO A 236 -4.18 15.14 20.17
C PRO A 236 -3.59 13.86 20.75
N VAL A 237 -3.80 12.76 20.05
CA VAL A 237 -3.16 11.49 20.29
C VAL A 237 -2.39 11.10 19.08
N TYR A 238 -1.54 10.07 19.21
CA TYR A 238 -0.58 9.80 18.14
C TYR A 238 -0.47 8.30 17.91
N VAL A 239 -0.35 7.96 16.65
CA VAL A 239 -0.42 6.59 16.19
C VAL A 239 0.59 5.70 16.83
N TYR A 240 1.82 6.18 17.08
CA TYR A 240 2.93 5.30 17.50
C TYR A 240 3.30 5.41 18.97
N LYS A 241 2.52 6.14 19.74
CA LYS A 241 2.75 6.33 21.14
C LYS A 241 2.04 5.30 22.02
N LEU A 242 2.60 5.19 23.21
CA LEU A 242 2.06 4.32 24.27
C LEU A 242 0.85 4.96 24.87
N PHE A 243 -0.12 4.11 25.19
CA PHE A 243 -1.24 4.55 25.99
C PHE A 243 -0.82 5.33 27.24
N PRO A 244 -1.40 6.53 27.47
CA PRO A 244 -2.64 7.10 26.84
C PRO A 244 -2.36 8.07 25.77
N GLU A 245 -1.07 8.19 25.35
CA GLU A 245 -0.75 9.06 24.26
C GLU A 245 -1.05 8.53 22.89
N GLY A 246 -1.11 7.22 22.78
CA GLY A 246 -1.49 6.53 21.60
C GLY A 246 -1.99 5.13 21.95
N PRO A 247 -2.13 4.28 20.97
CA PRO A 247 -2.77 3.04 21.18
C PRO A 247 -1.88 1.97 21.68
N ILE A 248 -0.56 2.19 21.76
CA ILE A 248 0.25 1.00 21.89
C ILE A 248 0.20 0.50 23.33
N THR A 249 0.07 -0.82 23.43
CA THR A 249 -0.23 -1.45 24.69
C THR A 249 0.04 -2.96 24.52
N MET A 250 0.16 -3.68 25.61
CA MET A 250 0.38 -5.10 25.58
C MET A 250 -0.75 -5.78 24.80
N THR A 251 -1.97 -5.32 25.01
CA THR A 251 -3.16 -5.78 24.28
C THR A 251 -2.99 -5.61 22.78
N LEU A 252 -2.55 -4.43 22.34
CA LEU A 252 -2.31 -4.23 20.94
C LEU A 252 -1.24 -5.13 20.38
N ILE A 253 -0.11 -5.27 21.06
CA ILE A 253 0.95 -6.07 20.53
C ILE A 253 0.52 -7.55 20.46
N ARG A 254 -0.29 -7.99 21.39
CA ARG A 254 -0.81 -9.32 21.32
C ARG A 254 -1.61 -9.50 20.04
N GLU A 255 -2.45 -8.50 19.72
CA GLU A 255 -3.32 -8.58 18.57
C GLU A 255 -2.44 -8.62 17.34
N MET A 256 -1.33 -7.88 17.35
CA MET A 256 -0.44 -7.95 16.24
C MET A 256 0.19 -9.31 16.09
N ARG A 257 0.60 -9.92 17.19
CA ARG A 257 1.14 -11.25 17.08
C ARG A 257 0.11 -12.23 16.51
N LEU A 258 -1.08 -12.17 17.07
CA LEU A 258 -2.19 -12.99 16.61
C LEU A 258 -2.50 -12.88 15.16
N MET A 259 -2.47 -11.67 14.64
CA MET A 259 -2.73 -11.48 13.27
C MET A 259 -1.63 -11.97 12.37
N TRP A 260 -0.42 -11.72 12.80
CA TRP A 260 0.70 -12.19 12.08
C TRP A 260 0.62 -13.72 12.04
N LYS A 261 0.28 -14.38 13.11
CA LYS A 261 0.19 -15.84 13.06
C LYS A 261 -0.96 -16.36 12.16
N GLU A 262 -2.15 -15.74 12.19
CA GLU A 262 -3.23 -16.10 11.25
C GLU A 262 -2.69 -16.04 9.83
N MET A 263 -2.12 -14.90 9.47
CA MET A 263 -1.38 -14.75 8.22
C MET A 263 -0.32 -15.79 7.89
N MET A 264 0.49 -16.19 8.86
CA MET A 264 1.50 -17.21 8.59
C MET A 264 0.86 -18.61 8.33
N ALA A 265 -0.27 -18.92 8.96
CA ALA A 265 -1.06 -20.12 8.58
C ALA A 265 -1.48 -20.11 7.11
N ILE A 266 -2.03 -18.98 6.66
CA ILE A 266 -2.42 -18.82 5.29
C ILE A 266 -1.28 -18.98 4.34
N LEU A 267 -0.11 -18.43 4.64
CA LEU A 267 1.01 -18.57 3.75
C LEU A 267 1.52 -20.02 3.70
N GLN A 268 1.37 -20.74 4.78
CA GLN A 268 1.80 -22.13 4.79
C GLN A 268 0.96 -22.94 3.84
N ALA A 269 -0.36 -22.72 3.82
CA ALA A 269 -1.29 -23.23 2.78
C ALA A 269 -0.81 -22.99 1.35
N PHE A 270 -0.35 -21.80 1.03
CA PHE A 270 0.12 -21.48 -0.30
C PHE A 270 1.56 -21.88 -0.47
N ARG A 271 2.19 -22.44 0.56
CA ARG A 271 3.61 -22.76 0.51
C ARG A 271 4.55 -21.58 0.23
N VAL A 272 4.22 -20.42 0.80
CA VAL A 272 5.11 -19.24 0.73
C VAL A 272 5.96 -19.17 2.01
N PRO A 273 7.27 -18.92 1.93
CA PRO A 273 8.00 -18.84 3.24
C PRO A 273 7.41 -17.83 4.23
N SER A 274 7.58 -18.08 5.51
CA SER A 274 7.06 -17.17 6.51
C SER A 274 7.92 -15.89 6.59
N VAL A 275 7.38 -14.92 7.31
CA VAL A 275 7.94 -13.58 7.44
C VAL A 275 8.34 -13.47 8.89
N ASN A 276 9.65 -13.31 9.08
CA ASN A 276 10.19 -12.98 10.38
C ASN A 276 9.89 -11.52 10.59
N LEU A 277 8.77 -11.23 11.27
CA LEU A 277 8.24 -9.87 11.43
C LEU A 277 9.22 -8.88 12.05
N LEU A 278 9.86 -9.33 13.12
CA LEU A 278 10.76 -8.49 13.91
C LEU A 278 11.99 -8.11 13.11
N GLN A 279 12.56 -9.13 12.47
CA GLN A 279 13.70 -8.94 11.59
C GLN A 279 13.41 -8.01 10.49
N PHE A 280 12.28 -8.25 9.86
CA PHE A 280 11.79 -7.37 8.80
C PHE A 280 11.72 -5.90 9.29
N MET A 281 11.11 -5.68 10.45
CA MET A 281 10.93 -4.34 11.00
C MET A 281 12.28 -3.65 11.32
N VAL A 282 13.21 -4.41 11.88
CA VAL A 282 14.46 -3.84 12.41
C VAL A 282 15.63 -3.80 11.40
N LYS A 283 15.58 -4.70 10.43
CA LYS A 283 16.63 -4.76 9.41
C LYS A 283 16.18 -4.13 8.12
N GLU A 284 14.89 -3.91 7.93
CA GLU A 284 14.42 -3.37 6.68
C GLU A 284 13.68 -2.09 6.87
N ASN A 285 12.73 -2.01 7.81
CA ASN A 285 11.99 -0.75 8.02
C ASN A 285 12.83 0.40 8.67
N TYR A 286 13.20 0.27 9.94
CA TYR A 286 13.89 1.32 10.68
C TYR A 286 14.78 0.70 11.80
N PRO A 287 16.09 1.10 11.86
CA PRO A 287 16.96 0.34 12.73
C PRO A 287 16.81 0.79 14.19
N VAL A 288 17.22 -0.07 15.08
CA VAL A 288 17.37 0.29 16.47
C VAL A 288 18.86 0.17 16.88
N ARG A 289 19.19 0.64 18.06
CA ARG A 289 20.55 0.54 18.58
C ARG A 289 20.82 -0.92 18.90
N PRO A 290 22.05 -1.35 18.72
CA PRO A 290 22.48 -2.74 19.14
C PRO A 290 22.15 -3.16 20.57
N GLU A 291 22.27 -2.23 21.51
CA GLU A 291 21.88 -2.50 22.92
C GLU A 291 20.37 -2.83 23.13
N THR A 292 19.51 -2.52 22.16
CA THR A 292 18.03 -2.62 22.39
C THR A 292 17.52 -4.02 22.26
N LEU A 293 17.99 -4.67 21.21
CA LEU A 293 17.56 -6.03 20.88
C LEU A 293 18.80 -6.91 20.64
N ASP A 294 18.69 -8.12 21.16
CA ASP A 294 19.64 -9.23 21.00
C ASP A 294 19.56 -9.81 19.59
N GLU A 295 20.72 -9.84 18.94
CA GLU A 295 20.82 -10.35 17.57
C GLU A 295 20.23 -11.71 17.37
N GLY A 296 20.38 -12.58 18.36
CA GLY A 296 19.72 -13.91 18.34
C GLY A 296 18.22 -13.96 18.45
N ASP A 297 17.68 -13.04 19.26
CA ASP A 297 16.25 -12.94 19.42
C ASP A 297 15.65 -12.52 18.07
N ILE A 298 16.32 -11.61 17.35
CA ILE A 298 15.89 -11.09 16.07
C ILE A 298 15.87 -12.20 15.01
N GLU A 299 17.00 -12.86 14.88
CA GLU A 299 17.18 -14.02 14.02
C GLU A 299 16.30 -15.20 14.26
N HIS A 300 16.09 -15.56 15.51
CA HIS A 300 15.30 -16.74 15.82
C HIS A 300 13.87 -16.39 16.17
N PHE A 301 13.44 -15.18 15.81
CA PHE A 301 12.12 -14.69 16.28
C PHE A 301 10.95 -15.67 16.07
N GLU A 302 10.98 -16.33 14.92
CA GLU A 302 9.90 -17.22 14.58
C GLU A 302 9.76 -18.45 15.47
N ILE A 303 10.83 -18.91 16.12
CA ILE A 303 10.72 -20.07 17.00
C ILE A 303 10.68 -19.74 18.50
N LEU A 304 10.77 -18.46 18.84
CA LEU A 304 10.69 -18.06 20.22
C LEU A 304 9.29 -18.22 20.77
N PRO A 305 9.16 -18.31 22.10
CA PRO A 305 7.83 -18.46 22.68
C PRO A 305 6.95 -17.20 22.44
N ASP A 306 5.66 -17.39 22.42
CA ASP A 306 4.73 -16.32 22.17
C ASP A 306 4.91 -14.99 22.97
N ILE A 307 5.02 -15.13 24.28
CA ILE A 307 5.21 -14.07 25.22
C ILE A 307 6.50 -13.35 24.85
N LEU A 308 7.56 -14.09 24.47
CA LEU A 308 8.79 -13.45 24.09
C LEU A 308 8.67 -12.65 22.79
N GLN A 309 7.94 -13.19 21.84
CA GLN A 309 7.71 -12.48 20.57
C GLN A 309 7.02 -11.16 20.79
N GLU A 310 6.00 -11.18 21.66
CA GLU A 310 5.24 -10.00 22.11
C GLU A 310 6.10 -8.98 22.81
N TYR A 311 6.96 -9.43 23.70
CA TYR A 311 7.87 -8.55 24.44
C TYR A 311 8.81 -7.81 23.46
N LEU A 312 9.36 -8.57 22.54
CA LEU A 312 10.27 -8.02 21.55
C LEU A 312 9.59 -7.05 20.61
N LEU A 313 8.34 -7.30 20.28
CA LEU A 313 7.59 -6.35 19.47
C LEU A 313 7.31 -5.06 20.22
N TYR A 314 6.84 -5.19 21.47
CA TYR A 314 6.63 -4.08 22.35
C TYR A 314 7.90 -3.23 22.45
N VAL A 315 9.01 -3.87 22.75
CA VAL A 315 10.29 -3.16 22.84
C VAL A 315 10.69 -2.43 21.55
N ARG A 316 10.58 -3.08 20.41
CA ARG A 316 10.80 -2.42 19.11
CA ARG A 316 10.79 -2.43 19.10
C ARG A 316 10.03 -1.11 19.02
N TYR A 317 8.73 -1.15 19.33
CA TYR A 317 7.94 0.10 19.29
C TYR A 317 8.39 1.14 20.27
N THR A 318 8.84 0.71 21.43
CA THR A 318 9.30 1.67 22.45
C THR A 318 10.62 2.30 22.08
N ALA A 319 11.44 1.54 21.41
CA ALA A 319 12.77 2.00 20.97
C ALA A 319 12.67 3.10 19.91
N ILE A 320 11.56 3.12 19.18
CA ILE A 320 11.38 4.15 18.17
C ILE A 320 10.39 5.25 18.58
N LEU A 321 10.12 5.39 19.86
CA LEU A 321 9.37 6.55 20.30
C LEU A 321 10.13 7.82 19.89
N ILE A 322 11.45 7.73 19.99
CA ILE A 322 12.36 8.72 19.40
C ILE A 322 13.11 8.05 18.23
N ASP A 323 13.79 8.86 17.43
CA ASP A 323 14.72 8.43 16.42
C ASP A 323 16.05 8.33 17.19
N PRO A 324 16.45 7.10 17.55
CA PRO A 324 17.62 6.89 18.34
C PRO A 324 18.92 7.12 17.61
N PHE A 325 18.85 7.45 16.32
CA PHE A 325 20.00 7.81 15.52
C PHE A 325 20.01 9.26 15.17
N SER A 326 18.99 10.02 15.58
CA SER A 326 19.01 11.45 15.29
C SER A 326 19.98 12.13 16.26
N GLN A 327 20.38 13.34 15.94
CA GLN A 327 21.23 14.15 16.82
C GLN A 327 20.48 14.61 18.03
N PRO A 328 20.84 14.18 19.28
CA PRO A 328 20.09 14.70 20.44
C PRO A 328 20.43 16.16 20.66
N ASP A 329 19.56 16.96 21.21
CA ASP A 329 19.86 18.33 21.48
C ASP A 329 20.63 18.39 22.82
N GLU A 330 20.84 19.62 23.29
CA GLU A 330 21.74 19.97 24.38
C GLU A 330 21.20 19.49 25.74
N ASN A 331 19.89 19.22 25.83
CA ASN A 331 19.23 18.66 27.00
C ASN A 331 19.06 17.14 26.91
N GLY A 332 19.61 16.56 25.88
CA GLY A 332 19.57 15.11 25.63
C GLY A 332 18.34 14.55 24.97
N HIS A 333 17.57 15.41 24.33
CA HIS A 333 16.30 15.06 23.77
C HIS A 333 16.48 14.85 22.27
N TYR A 334 16.00 13.70 21.83
CA TYR A 334 16.08 13.25 20.44
C TYR A 334 14.80 13.59 19.66
N PHE A 335 14.83 13.42 18.35
CA PHE A 335 13.70 13.78 17.51
C PHE A 335 12.48 12.91 17.94
N ASP A 336 11.33 13.53 18.06
CA ASP A 336 10.04 12.84 18.41
C ASP A 336 9.39 12.16 17.20
N PHE A 337 9.93 11.02 16.88
CA PHE A 337 9.61 10.23 15.73
C PHE A 337 8.17 9.60 15.81
N SER A 338 7.68 9.55 17.02
CA SER A 338 6.45 8.89 17.46
C SER A 338 5.21 9.73 17.20
N ALA A 339 5.43 11.02 17.04
CA ALA A 339 4.36 12.02 17.11
C ALA A 339 3.64 12.16 15.75
N VAL A 340 3.13 11.04 15.21
CA VAL A 340 2.47 11.08 13.93
C VAL A 340 0.99 11.20 14.30
N PRO A 341 0.32 12.29 13.98
CA PRO A 341 -1.11 12.27 14.32
C PRO A 341 -1.97 11.29 13.46
N PHE A 342 -3.12 10.95 13.98
CA PHE A 342 -4.19 10.27 13.23
C PHE A 342 -4.88 11.25 12.30
N LYS A 343 -5.03 10.88 11.03
CA LYS A 343 -5.94 11.55 10.10
C LYS A 343 -7.38 11.23 10.47
N GLN A 344 -8.21 12.24 10.60
CA GLN A 344 -9.66 12.03 10.93
C GLN A 344 -10.57 11.98 9.71
N VAL A 345 -11.74 11.39 9.84
CA VAL A 345 -12.74 11.53 8.77
C VAL A 345 -12.89 13.00 8.47
N TYR A 346 -13.04 13.34 7.20
CA TYR A 346 -13.00 14.72 6.72
C TYR A 346 -14.03 14.87 5.53
N LYS A 347 -14.44 16.08 5.28
CA LYS A 347 -15.31 16.34 4.16
C LYS A 347 -14.51 16.78 2.96
N ASN A 348 -14.71 16.14 1.83
CA ASN A 348 -14.10 16.61 0.59
C ASN A 348 -14.76 17.93 0.16
N GLU A 349 -14.30 18.49 -0.93
CA GLU A 349 -14.79 19.82 -1.35
C GLU A 349 -16.27 19.85 -1.81
N GLN A 350 -16.88 18.70 -2.12
CA GLN A 350 -18.34 18.60 -2.30
C GLN A 350 -19.09 18.21 -1.01
N ASP A 351 -18.54 18.52 0.17
CA ASP A 351 -19.17 18.15 1.43
C ASP A 351 -19.50 16.67 1.61
N VAL A 352 -18.78 15.76 0.95
CA VAL A 352 -18.94 14.31 1.21
C VAL A 352 -17.85 13.92 2.22
N VAL A 353 -18.30 13.17 3.24
CA VAL A 353 -17.47 12.73 4.34
C VAL A 353 -16.65 11.56 3.83
N GLN A 354 -15.33 11.65 3.96
CA GLN A 354 -14.43 10.53 3.61
C GLN A 354 -13.77 9.94 4.89
N ILE A 355 -13.46 8.67 4.79
CA ILE A 355 -12.68 7.97 5.67
C ILE A 355 -11.23 7.93 5.10
N PRO A 356 -10.26 8.38 5.87
CA PRO A 356 -8.87 8.48 5.32
C PRO A 356 -8.33 7.10 4.95
N ARG A 357 -7.23 7.06 4.20
CA ARG A 357 -6.69 5.83 3.71
C ARG A 357 -6.36 4.89 4.86
N MET A 358 -5.88 5.43 5.97
CA MET A 358 -5.71 4.65 7.21
C MET A 358 -6.96 4.98 8.07
N PRO A 359 -7.93 4.11 8.24
CA PRO A 359 -7.89 2.70 7.98
C PRO A 359 -8.71 2.17 6.81
N SER A 360 -9.20 3.00 5.89
CA SER A 360 -10.03 2.45 4.74
C SER A 360 -9.31 1.37 4.04
N GLU A 361 -8.03 1.56 3.76
CA GLU A 361 -7.40 0.57 2.96
C GLU A 361 -7.10 -0.69 3.77
N ASP A 362 -6.97 -0.57 5.08
CA ASP A 362 -6.76 -1.74 5.93
C ASP A 362 -8.04 -2.61 6.06
N TYR A 363 -9.19 -1.95 5.97
CA TYR A 363 -10.48 -2.67 5.93
C TYR A 363 -10.50 -3.54 4.67
N TYR A 364 -10.08 -2.96 3.54
CA TYR A 364 -9.88 -3.72 2.33
C TYR A 364 -8.92 -4.87 2.47
N ARG A 365 -7.70 -4.60 2.93
CA ARG A 365 -6.68 -5.68 3.03
C ARG A 365 -7.13 -6.80 3.91
N THR A 366 -7.74 -6.40 5.02
CA THR A 366 -8.23 -7.32 6.00
C THR A 366 -9.45 -8.11 5.50
N ALA A 367 -10.38 -7.42 4.89
CA ALA A 367 -11.51 -8.16 4.24
C ALA A 367 -11.00 -9.19 3.22
N MET A 368 -9.97 -8.86 2.44
CA MET A 368 -9.47 -9.86 1.50
C MET A 368 -8.87 -11.06 2.20
N ILE A 369 -8.11 -10.80 3.27
CA ILE A 369 -7.42 -11.87 3.96
C ILE A 369 -8.47 -12.77 4.59
N GLN A 370 -9.50 -12.21 5.23
CA GLN A 370 -10.59 -12.97 5.83
C GLN A 370 -11.27 -13.84 4.77
N HIS A 371 -11.58 -13.29 3.61
CA HIS A 371 -12.18 -14.08 2.54
C HIS A 371 -11.25 -15.18 2.03
N ILE A 372 -9.94 -14.97 1.98
CA ILE A 372 -9.06 -16.06 1.60
C ILE A 372 -8.98 -17.15 2.69
N GLY A 373 -9.08 -16.73 3.93
CA GLY A 373 -9.08 -17.62 5.08
C GLY A 373 -10.25 -18.58 4.99
N LYS A 374 -11.47 -18.05 4.88
CA LYS A 374 -12.67 -18.88 4.60
C LYS A 374 -12.43 -19.87 3.48
N MET A 375 -12.12 -19.37 2.27
CA MET A 375 -11.87 -20.24 1.14
C MET A 375 -10.86 -21.37 1.37
N LEU A 376 -9.90 -21.20 2.28
CA LEU A 376 -8.96 -22.25 2.54
C LEU A 376 -9.29 -23.07 3.79
N GLY A 377 -10.40 -22.77 4.47
CA GLY A 377 -10.69 -23.19 5.84
C GLY A 377 -9.64 -22.93 6.92
N ILE A 378 -9.07 -21.72 6.95
CA ILE A 378 -8.18 -21.29 8.03
C ILE A 378 -8.98 -20.31 8.88
N LYS A 379 -8.84 -20.36 10.19
CA LYS A 379 -9.77 -19.69 11.16
C LYS A 379 -9.89 -18.13 11.27
N THR A 380 -8.78 -17.42 11.30
CA THR A 380 -8.80 -15.87 11.35
C THR A 380 -9.61 -15.08 12.42
N PRO A 381 -9.69 -15.58 13.66
CA PRO A 381 -10.56 -14.86 14.63
C PRO A 381 -10.08 -13.42 14.97
N MET A 382 -8.77 -13.17 14.93
CA MET A 382 -8.27 -11.75 15.11
C MET A 382 -8.67 -10.82 13.97
N ILE A 383 -8.35 -11.23 12.75
CA ILE A 383 -8.92 -10.51 11.58
C ILE A 383 -10.41 -10.21 11.70
N ASP A 384 -11.20 -11.24 12.06
CA ASP A 384 -12.65 -11.05 12.17
C ASP A 384 -13.06 -9.92 13.07
N GLN A 385 -12.37 -9.89 14.21
CA GLN A 385 -12.63 -8.86 15.19
C GLN A 385 -12.20 -7.45 14.68
N PHE A 386 -11.09 -7.36 13.96
CA PHE A 386 -10.71 -6.09 13.36
C PHE A 386 -11.84 -5.59 12.49
N LEU A 387 -12.39 -6.47 11.66
CA LEU A 387 -13.43 -6.05 10.68
C LEU A 387 -14.71 -5.58 11.40
N THR A 388 -15.08 -6.36 12.40
CA THR A 388 -16.27 -6.04 13.27
C THR A 388 -16.13 -4.70 13.93
N ARG A 389 -14.92 -4.39 14.37
CA ARG A 389 -14.75 -3.08 15.02
C ARG A 389 -14.91 -1.91 14.09
N TYR A 390 -14.33 -2.09 12.92
CA TYR A 390 -14.36 -1.07 11.87
C TYR A 390 -15.81 -0.86 11.36
N GLU A 391 -16.50 -1.96 11.17
CA GLU A 391 -17.95 -1.91 10.74
C GLU A 391 -18.83 -1.27 11.77
N ALA A 392 -18.52 -1.57 13.03
CA ALA A 392 -19.21 -0.90 14.13
C ALA A 392 -18.98 0.61 14.12
N SER A 393 -17.79 1.09 13.74
CA SER A 393 -17.55 2.56 13.79
C SER A 393 -18.20 3.29 12.66
N CYS A 394 -18.22 2.65 11.51
CA CYS A 394 -18.88 3.19 10.32
C CYS A 394 -20.42 3.25 10.66
N GLN A 395 -20.98 2.15 11.16
CA GLN A 395 -22.45 2.15 11.55
C GLN A 395 -22.69 3.27 12.59
N ALA A 396 -21.76 3.46 13.55
CA ALA A 396 -22.00 4.48 14.60
C ALA A 396 -21.98 5.85 13.97
N TYR A 397 -21.03 6.04 13.06
CA TYR A 397 -20.93 7.30 12.34
C TYR A 397 -22.23 7.62 11.52
N LYS A 398 -22.79 6.61 10.86
CA LYS A 398 -24.01 6.79 10.03
C LYS A 398 -25.19 7.17 10.91
N ASP A 399 -25.30 6.48 12.04
CA ASP A 399 -26.31 6.76 13.09
C ASP A 399 -26.14 8.15 13.70
N MET A 400 -24.91 8.51 14.02
CA MET A 400 -24.63 9.79 14.62
C MET A 400 -24.67 10.96 13.67
N HIS A 401 -24.61 10.74 12.35
CA HIS A 401 -24.49 11.92 11.43
C HIS A 401 -25.43 11.76 10.23
N GLN A 402 -26.73 11.57 10.52
CA GLN A 402 -27.70 11.35 9.46
C GLN A 402 -27.88 12.61 8.58
N ASP A 403 -27.67 13.83 9.07
CA ASP A 403 -27.61 15.07 8.22
C ASP A 403 -26.58 15.04 7.06
N GLN A 404 -25.45 14.40 7.32
CA GLN A 404 -24.24 14.54 6.52
C GLN A 404 -24.26 13.62 5.32
N GLN A 405 -23.66 14.10 4.24
CA GLN A 405 -23.46 13.29 3.07
C GLN A 405 -22.18 12.45 3.22
N LEU A 406 -22.29 11.14 3.09
CA LEU A 406 -21.22 10.17 3.33
C LEU A 406 -20.78 9.42 2.09
N SER A 407 -19.49 9.10 2.01
CA SER A 407 -18.96 8.31 0.92
C SER A 407 -19.44 6.87 1.01
N SER A 408 -19.21 6.14 -0.06
CA SER A 408 -19.58 4.72 -0.12
C SER A 408 -18.65 3.81 0.61
N GLN A 409 -17.50 4.35 1.06
CA GLN A 409 -16.64 3.68 2.07
C GLN A 409 -17.41 3.34 3.35
N PHE A 410 -18.43 4.11 3.69
CA PHE A 410 -19.32 3.77 4.83
C PHE A 410 -20.28 2.59 4.67
N ASN A 411 -20.44 2.12 3.43
CA ASN A 411 -21.38 1.06 3.10
C ASN A 411 -20.89 -0.32 3.41
N THR A 412 -21.86 -1.21 3.63
CA THR A 412 -21.59 -2.62 3.55
C THR A 412 -22.08 -3.09 2.18
N ASN A 413 -21.80 -4.32 1.87
CA ASN A 413 -20.51 -4.85 2.07
C ASN A 413 -19.91 -4.54 0.66
N LEU A 414 -18.67 -4.12 0.70
CA LEU A 414 -18.01 -3.68 -0.49
C LEU A 414 -17.28 -4.92 -0.96
N PHE A 415 -16.60 -4.82 -2.09
CA PHE A 415 -15.64 -5.82 -2.46
C PHE A 415 -16.27 -7.15 -2.87
N GLU A 416 -17.57 -7.20 -3.17
CA GLU A 416 -18.18 -8.49 -3.62
C GLU A 416 -17.54 -9.01 -4.89
N GLY A 417 -17.36 -8.10 -5.82
CA GLY A 417 -16.60 -8.38 -7.06
C GLY A 417 -15.22 -8.95 -6.83
N ASP A 418 -14.48 -8.32 -5.92
CA ASP A 418 -13.14 -8.74 -5.64
C ASP A 418 -13.19 -10.14 -5.06
N LYS A 419 -14.04 -10.32 -4.05
CA LYS A 419 -14.19 -11.64 -3.34
C LYS A 419 -14.58 -12.82 -4.28
N ALA A 420 -15.58 -12.58 -5.13
CA ALA A 420 -15.97 -13.52 -6.23
C ALA A 420 -14.78 -13.86 -7.12
N LEU A 421 -13.93 -12.87 -7.48
CA LEU A 421 -12.74 -13.25 -8.29
C LEU A 421 -11.73 -14.09 -7.53
N VAL A 422 -11.55 -13.82 -6.22
CA VAL A 422 -10.66 -14.63 -5.39
C VAL A 422 -11.20 -16.07 -5.23
N THR A 423 -12.49 -16.21 -4.87
CA THR A 423 -13.24 -17.53 -4.91
C THR A 423 -12.92 -18.28 -6.19
N LYS A 424 -13.15 -17.65 -7.34
CA LYS A 424 -12.85 -18.34 -8.63
C LYS A 424 -11.43 -18.77 -8.74
N PHE A 425 -10.51 -17.85 -8.46
CA PHE A 425 -9.09 -18.16 -8.66
C PHE A 425 -8.68 -19.38 -7.84
N LEU A 426 -9.16 -19.47 -6.62
CA LEU A 426 -8.77 -20.58 -5.71
C LEU A 426 -9.42 -21.97 -6.06
N GLU A 427 -10.67 -21.98 -6.50
CA GLU A 427 -11.26 -23.20 -7.17
C GLU A 427 -10.40 -23.81 -8.30
N ILE A 428 -9.81 -22.98 -9.15
CA ILE A 428 -8.91 -23.43 -10.23
C ILE A 428 -7.56 -23.79 -9.63
N ASN A 429 -6.84 -22.77 -9.14
CA ASN A 429 -5.45 -22.78 -8.56
C ASN A 429 -4.41 -22.00 -9.42
#